data_4MHF
#
_entry.id   4MHF
#
_cell.length_a   45.480
_cell.length_b   45.960
_cell.length_c   63.980
_cell.angle_alpha   90.00
_cell.angle_beta   97.66
_cell.angle_gamma   90.00
#
_symmetry.space_group_name_H-M   'P 1 21 1'
#
loop_
_entity.id
_entity.type
_entity.pdbx_description
1 polymer 'TRAP dicarboxylate transporter, DctP subunit'
2 non-polymer 'beta-D-glucopyranuronic acid'
3 non-polymer 'alpha-D-glucopyranuronic acid'
4 water water
#
_entity_poly.entity_id   1
_entity_poly.type   'polypeptide(L)'
_entity_poly.pdbx_seq_one_letter_code
;MTNRTPRISAIRSAALAALLAGLGMGAAQATEFRSADTHNADDYPTVAAVKYMGELLEKKSGGKHKIKVFNKQALGSEKE
TIDQVKIGALDFTRVNVGPMNAICPLTQVPTMPFLFSSIAHMRKSLDGPVGDEILKSCESAGFIGLAFYDSGARSIYAKK
PIRTVADAKGLKIRVQQSDLWVALVSAMGANATPMPYGEVYTGLKTGLIDAAENNIPSFDTAKHVEAVKVYSKTEHSMAP
EILVMSKIIYDKLPKAEQDMIRAAAKESVAFERQKWDEQEAKSLANVKAAGAEIVEVDKKSFQAVMGPVYDKFMTTPDMK
RLVKAVQDTKAENLYFQ
;
_entity_poly.pdbx_strand_id   A
#
loop_
_chem_comp.id
_chem_comp.type
_chem_comp.name
_chem_comp.formula
BDP D-saccharide, beta linking 'beta-D-glucopyranuronic acid' 'C6 H10 O7'
GCU D-saccharide, alpha linking 'alpha-D-glucopyranuronic acid' 'C6 H10 O7'
#
# COMPACT_ATOMS: atom_id res chain seq x y z
N THR A 31 -19.17 12.40 -16.62
CA THR A 31 -19.28 13.00 -15.29
C THR A 31 -17.88 13.29 -14.77
N GLU A 32 -17.81 14.02 -13.66
CA GLU A 32 -16.56 14.30 -13.00
C GLU A 32 -16.52 13.47 -11.74
N PHE A 33 -15.77 12.38 -11.78
CA PHE A 33 -15.59 11.51 -10.64
C PHE A 33 -14.61 12.13 -9.65
N ARG A 34 -14.73 11.75 -8.38
CA ARG A 34 -13.78 12.18 -7.37
C ARG A 34 -12.98 10.98 -6.87
N SER A 35 -11.69 11.21 -6.63
CA SER A 35 -10.82 10.16 -6.09
C SER A 35 -9.98 10.75 -4.96
N ALA A 36 -9.73 9.96 -3.92
CA ALA A 36 -8.98 10.40 -2.75
C ALA A 36 -7.56 9.81 -2.67
N ASP A 37 -6.63 10.59 -2.11
CA ASP A 37 -5.28 10.11 -1.80
C ASP A 37 -4.79 10.80 -0.54
N THR A 38 -4.18 10.02 0.36
CA THR A 38 -3.73 10.54 1.63
C THR A 38 -2.44 11.37 1.53
N HIS A 39 -1.66 11.21 0.45
CA HIS A 39 -0.34 11.85 0.39
C HIS A 39 -0.46 13.32 0.12
N ASN A 40 0.40 14.11 0.75
CA ASN A 40 0.38 15.55 0.62
C ASN A 40 0.95 16.07 -0.69
N ALA A 41 1.95 15.37 -1.24
CA ALA A 41 2.64 15.89 -2.42
C ALA A 41 1.75 15.79 -3.68
N ASP A 42 1.63 16.91 -4.38
CA ASP A 42 0.81 16.95 -5.58
C ASP A 42 1.36 16.08 -6.70
N ASP A 43 2.67 15.79 -6.64
CA ASP A 43 3.33 14.95 -7.64
C ASP A 43 3.71 13.58 -7.08
N TYR A 44 3.08 13.16 -5.99
CA TYR A 44 3.38 11.82 -5.48
C TYR A 44 2.98 10.79 -6.53
N PRO A 45 3.73 9.69 -6.66
CA PRO A 45 3.44 8.80 -7.80
C PRO A 45 2.00 8.30 -7.87
N THR A 46 1.37 8.02 -6.74
CA THR A 46 0.00 7.52 -6.76
C THR A 46 -0.98 8.61 -7.21
N VAL A 47 -0.68 9.85 -6.88
CA VAL A 47 -1.52 10.99 -7.23
C VAL A 47 -1.37 11.22 -8.74
N ALA A 48 -0.12 11.26 -9.20
CA ALA A 48 0.15 11.42 -10.61
C ALA A 48 -0.51 10.31 -11.41
N ALA A 49 -0.50 9.10 -10.87
CA ALA A 49 -1.02 7.97 -11.60
C ALA A 49 -2.54 8.05 -11.80
N VAL A 50 -3.29 8.45 -10.77
CA VAL A 50 -4.73 8.55 -10.94
C VAL A 50 -5.07 9.75 -11.82
N LYS A 51 -4.28 10.82 -11.75
CA LYS A 51 -4.49 11.90 -12.72
C LYS A 51 -4.28 11.41 -14.17
N TYR A 52 -3.26 10.59 -14.38
CA TYR A 52 -3.01 9.99 -15.67
C TYR A 52 -4.18 9.10 -16.09
N MET A 53 -4.66 8.27 -15.18
CA MET A 53 -5.85 7.50 -15.44
C MET A 53 -7.01 8.39 -15.90
N GLY A 54 -7.19 9.52 -15.23
CA GLY A 54 -8.25 10.44 -15.61
C GLY A 54 -8.07 10.92 -17.03
N GLU A 55 -6.84 11.25 -17.43
CA GLU A 55 -6.58 11.67 -18.80
C GLU A 55 -6.91 10.54 -19.79
N LEU A 56 -6.55 9.32 -19.46
CA LEU A 56 -6.88 8.21 -20.34
C LEU A 56 -8.39 8.02 -20.43
N LEU A 57 -9.07 8.17 -19.32
CA LEU A 57 -10.52 8.02 -19.29
C LEU A 57 -11.22 9.10 -20.12
N GLU A 58 -10.73 10.32 -20.06
CA GLU A 58 -11.25 11.39 -20.89
C GLU A 58 -11.12 10.99 -22.34
N LYS A 59 -9.96 10.48 -22.72
CA LYS A 59 -9.74 10.08 -24.12
C LYS A 59 -10.67 8.94 -24.53
N LYS A 60 -10.72 7.88 -23.72
CA LYS A 60 -11.51 6.71 -24.06
C LYS A 60 -13.02 7.02 -24.12
N SER A 61 -13.45 8.03 -23.35
CA SER A 61 -14.85 8.36 -23.26
C SER A 61 -15.24 9.54 -24.14
N GLY A 62 -14.32 9.98 -25.00
CA GLY A 62 -14.59 11.08 -25.90
C GLY A 62 -14.86 12.39 -25.17
N GLY A 63 -14.30 12.53 -23.98
CA GLY A 63 -14.43 13.75 -23.21
C GLY A 63 -15.57 13.74 -22.20
N LYS A 64 -16.29 12.62 -22.12
CA LYS A 64 -17.46 12.54 -21.23
C LYS A 64 -17.07 12.45 -19.75
N HIS A 65 -16.09 11.62 -19.43
CA HIS A 65 -15.72 11.33 -18.04
C HIS A 65 -14.35 11.88 -17.69
N LYS A 66 -14.23 12.37 -16.46
CA LYS A 66 -12.99 12.94 -15.95
C LYS A 66 -12.84 12.49 -14.51
N ILE A 67 -11.64 12.63 -13.95
CA ILE A 67 -11.41 12.33 -12.54
C ILE A 67 -10.69 13.50 -11.89
N LYS A 68 -11.23 13.97 -10.75
CA LYS A 68 -10.55 14.97 -9.95
C LYS A 68 -9.97 14.28 -8.74
N VAL A 69 -8.65 14.46 -8.53
CA VAL A 69 -7.95 13.78 -7.44
C VAL A 69 -7.76 14.72 -6.25
N PHE A 70 -8.30 14.32 -5.11
CA PHE A 70 -8.18 15.07 -3.88
C PHE A 70 -7.12 14.40 -3.03
N ASN A 71 -5.91 14.94 -3.09
CA ASN A 71 -4.84 14.46 -2.22
C ASN A 71 -4.86 15.22 -0.89
N LYS A 72 -3.77 15.15 -0.13
CA LYS A 72 -3.65 15.80 1.17
C LYS A 72 -4.69 15.31 2.19
N GLN A 73 -5.16 14.08 2.01
CA GLN A 73 -6.26 13.50 2.78
C GLN A 73 -7.44 14.46 2.97
N ALA A 74 -7.70 15.27 1.94
CA ALA A 74 -8.79 16.23 2.01
C ALA A 74 -10.17 15.58 2.20
N LEU A 75 -10.34 14.37 1.71
CA LEU A 75 -11.61 13.68 1.83
C LEU A 75 -11.64 12.67 2.98
N GLY A 76 -10.58 12.63 3.76
CA GLY A 76 -10.51 11.76 4.94
C GLY A 76 -9.24 10.93 4.99
N SER A 77 -9.04 10.26 6.12
CA SER A 77 -7.98 9.26 6.21
C SER A 77 -8.29 8.12 5.25
N GLU A 78 -7.34 7.21 5.05
CA GLU A 78 -7.59 6.06 4.21
C GLU A 78 -8.83 5.33 4.70
N LYS A 79 -8.89 5.03 5.99
CA LYS A 79 -10.03 4.32 6.54
C LYS A 79 -11.34 5.05 6.26
N GLU A 80 -11.35 6.36 6.45
CA GLU A 80 -12.58 7.12 6.22
C GLU A 80 -12.97 7.07 4.75
N THR A 81 -12.00 7.20 3.85
CA THR A 81 -12.34 7.21 2.43
C THR A 81 -12.85 5.85 1.95
N ILE A 82 -12.35 4.77 2.54
CA ILE A 82 -12.83 3.45 2.18
C ILE A 82 -14.33 3.35 2.51
N ASP A 83 -14.73 3.86 3.66
CA ASP A 83 -16.15 3.81 4.05
C ASP A 83 -17.00 4.71 3.15
N GLN A 84 -16.48 5.87 2.75
CA GLN A 84 -17.19 6.74 1.83
C GLN A 84 -17.38 6.07 0.46
N VAL A 85 -16.40 5.32 0.01
CA VAL A 85 -16.53 4.62 -1.26
C VAL A 85 -17.56 3.51 -1.10
N LYS A 86 -17.51 2.82 0.03
CA LYS A 86 -18.48 1.74 0.29
C LYS A 86 -19.93 2.19 0.13
N ILE A 87 -20.24 3.38 0.62
CA ILE A 87 -21.63 3.87 0.60
C ILE A 87 -21.96 4.68 -0.66
N GLY A 88 -21.00 4.84 -1.56
CA GLY A 88 -21.25 5.53 -2.81
C GLY A 88 -21.13 7.04 -2.77
N ALA A 89 -20.61 7.57 -1.67
CA ALA A 89 -20.43 9.01 -1.55
C ALA A 89 -19.14 9.49 -2.21
N LEU A 90 -18.19 8.57 -2.38
CA LEU A 90 -16.92 8.85 -3.02
C LEU A 90 -16.72 7.81 -4.11
N ASP A 91 -16.33 8.25 -5.30
CA ASP A 91 -16.29 7.37 -6.46
C ASP A 91 -15.10 6.44 -6.40
N PHE A 92 -13.93 6.96 -6.07
CA PHE A 92 -12.71 6.16 -6.05
C PHE A 92 -11.91 6.48 -4.81
N THR A 93 -11.12 5.52 -4.33
CA THR A 93 -10.06 5.86 -3.42
C THR A 93 -8.83 5.01 -3.75
N ARG A 94 -7.67 5.61 -3.57
CA ARG A 94 -6.38 4.97 -3.79
C ARG A 94 -5.80 4.84 -2.41
N VAL A 95 -5.68 3.61 -1.90
CA VAL A 95 -5.26 3.36 -0.53
C VAL A 95 -4.24 2.23 -0.55
N ASN A 96 -3.56 2.01 0.58
CA ASN A 96 -2.74 0.82 0.68
C ASN A 96 -3.62 -0.38 0.94
N VAL A 97 -3.14 -1.57 0.61
CA VAL A 97 -3.94 -2.74 0.94
C VAL A 97 -4.17 -2.90 2.45
N GLY A 98 -3.27 -2.34 3.27
CA GLY A 98 -3.38 -2.49 4.72
C GLY A 98 -4.78 -2.27 5.28
N PRO A 99 -5.32 -1.06 5.12
CA PRO A 99 -6.65 -0.79 5.66
C PRO A 99 -7.80 -1.49 4.92
N MET A 100 -7.50 -2.19 3.83
CA MET A 100 -8.47 -3.05 3.17
C MET A 100 -8.43 -4.49 3.68
N ASN A 101 -7.52 -4.81 4.59
CA ASN A 101 -7.27 -6.20 4.96
C ASN A 101 -8.51 -6.88 5.53
N ALA A 102 -9.32 -6.19 6.33
CA ALA A 102 -10.52 -6.85 6.90
C ALA A 102 -11.68 -6.83 5.94
N ILE A 103 -11.83 -5.74 5.19
CA ILE A 103 -13.02 -5.57 4.36
C ILE A 103 -12.94 -6.38 3.06
N CYS A 104 -11.75 -6.53 2.50
CA CYS A 104 -11.53 -7.38 1.33
C CYS A 104 -10.40 -8.32 1.68
N PRO A 105 -10.75 -9.44 2.30
CA PRO A 105 -9.69 -10.23 2.95
C PRO A 105 -8.58 -10.74 2.01
N LEU A 106 -8.82 -10.95 0.72
CA LEU A 106 -7.74 -11.44 -0.12
C LEU A 106 -6.62 -10.39 -0.30
N THR A 107 -6.88 -9.13 0.04
CA THR A 107 -5.79 -8.12 0.04
C THR A 107 -4.75 -8.43 1.10
N GLN A 108 -5.08 -9.31 2.04
CA GLN A 108 -4.08 -9.79 3.00
C GLN A 108 -2.97 -10.55 2.32
N VAL A 109 -3.28 -11.26 1.23
CA VAL A 109 -2.29 -12.09 0.55
C VAL A 109 -1.03 -11.27 0.19
N PRO A 110 -1.17 -10.18 -0.59
CA PRO A 110 0.05 -9.43 -0.95
C PRO A 110 0.61 -8.55 0.17
N THR A 111 -0.08 -8.48 1.31
CA THR A 111 0.46 -7.84 2.50
C THR A 111 1.46 -8.73 3.23
N MET A 112 1.38 -10.03 3.01
CA MET A 112 2.09 -11.00 3.85
C MET A 112 3.59 -10.78 3.84
N PRO A 113 4.23 -11.00 4.99
CA PRO A 113 5.65 -10.70 5.08
C PRO A 113 6.51 -11.66 4.25
N PHE A 114 7.43 -11.11 3.47
CA PHE A 114 8.41 -11.90 2.71
C PHE A 114 7.74 -12.88 1.74
N LEU A 115 6.55 -12.53 1.25
CA LEU A 115 5.85 -13.36 0.28
C LEU A 115 6.57 -13.32 -1.06
N PHE A 116 6.88 -12.12 -1.53
CA PHE A 116 7.54 -11.93 -2.81
C PHE A 116 9.07 -11.89 -2.66
N SER A 117 9.83 -12.38 -3.63
CA SER A 117 11.25 -12.47 -3.50
C SER A 117 11.90 -11.17 -3.97
N SER A 118 11.15 -10.33 -4.68
CA SER A 118 11.71 -9.13 -5.28
C SER A 118 10.56 -8.27 -5.77
N ILE A 119 10.88 -7.02 -6.10
CA ILE A 119 9.90 -6.14 -6.73
C ILE A 119 9.41 -6.71 -8.06
N ALA A 120 10.32 -7.24 -8.89
CA ALA A 120 9.93 -7.84 -10.16
C ALA A 120 8.91 -8.95 -9.95
N HIS A 121 9.14 -9.77 -8.92
CA HIS A 121 8.23 -10.87 -8.62
C HIS A 121 6.86 -10.31 -8.23
N MET A 122 6.86 -9.29 -7.38
N MET A 122 6.84 -9.29 -7.38
CA MET A 122 5.62 -8.63 -6.94
CA MET A 122 5.58 -8.67 -6.98
C MET A 122 4.83 -8.11 -8.14
C MET A 122 4.82 -8.20 -8.21
N ARG A 123 5.51 -7.48 -9.08
CA ARG A 123 4.88 -6.92 -10.26
C ARG A 123 4.27 -8.00 -11.15
N LYS A 124 5.03 -9.05 -11.43
CA LYS A 124 4.52 -10.15 -12.24
C LYS A 124 3.31 -10.80 -11.59
N SER A 125 3.38 -11.03 -10.29
CA SER A 125 2.26 -11.64 -9.57
C SER A 125 1.01 -10.79 -9.60
N LEU A 126 1.14 -9.51 -9.29
CA LEU A 126 -0.01 -8.64 -9.23
C LEU A 126 -0.58 -8.32 -10.60
N ASP A 127 0.26 -8.34 -11.65
CA ASP A 127 -0.24 -8.07 -13.00
C ASP A 127 -0.99 -9.27 -13.56
N GLY A 128 -0.68 -10.45 -13.04
CA GLY A 128 -1.26 -11.68 -13.57
C GLY A 128 -2.52 -12.14 -12.85
N PRO A 129 -2.85 -13.43 -13.00
CA PRO A 129 -4.11 -13.94 -12.46
C PRO A 129 -4.28 -13.83 -10.95
N VAL A 130 -3.17 -13.84 -10.20
CA VAL A 130 -3.28 -13.66 -8.76
C VAL A 130 -3.83 -12.27 -8.45
N GLY A 131 -3.20 -11.23 -8.99
CA GLY A 131 -3.68 -9.89 -8.72
C GLY A 131 -5.10 -9.70 -9.18
N ASP A 132 -5.42 -10.18 -10.37
N ASP A 132 -5.42 -10.22 -10.35
CA ASP A 132 -6.73 -9.94 -10.93
CA ASP A 132 -6.73 -9.98 -10.92
C ASP A 132 -7.81 -10.62 -10.08
C ASP A 132 -7.81 -10.61 -10.06
N GLU A 133 -7.53 -11.81 -9.57
CA GLU A 133 -8.48 -12.53 -8.70
C GLU A 133 -8.71 -11.73 -7.43
N ILE A 134 -7.63 -11.24 -6.84
CA ILE A 134 -7.80 -10.40 -5.65
C ILE A 134 -8.65 -9.16 -5.93
N LEU A 135 -8.36 -8.43 -7.02
CA LEU A 135 -9.16 -7.27 -7.36
C LEU A 135 -10.64 -7.62 -7.48
N LYS A 136 -10.95 -8.69 -8.20
CA LYS A 136 -12.33 -9.08 -8.41
C LYS A 136 -13.04 -9.49 -7.10
N SER A 137 -12.28 -10.02 -6.15
CA SER A 137 -12.86 -10.50 -4.90
C SER A 137 -13.43 -9.40 -4.03
N CYS A 138 -13.01 -8.16 -4.27
CA CYS A 138 -13.48 -7.07 -3.44
C CYS A 138 -14.92 -6.66 -3.75
N GLU A 139 -15.45 -7.12 -4.87
CA GLU A 139 -16.81 -6.73 -5.25
C GLU A 139 -17.85 -7.18 -4.22
N SER A 140 -17.61 -8.31 -3.57
CA SER A 140 -18.54 -8.81 -2.55
C SER A 140 -18.70 -7.85 -1.37
N ALA A 141 -17.72 -6.97 -1.18
CA ALA A 141 -17.70 -6.02 -0.09
C ALA A 141 -18.10 -4.61 -0.51
N GLY A 142 -18.40 -4.42 -1.80
CA GLY A 142 -18.87 -3.13 -2.30
C GLY A 142 -17.85 -2.33 -3.08
N PHE A 143 -16.75 -2.96 -3.49
CA PHE A 143 -15.63 -2.27 -4.12
C PHE A 143 -15.26 -2.94 -5.42
N ILE A 144 -15.10 -2.15 -6.47
CA ILE A 144 -14.56 -2.64 -7.72
C ILE A 144 -13.07 -2.41 -7.71
N GLY A 145 -12.31 -3.49 -7.60
CA GLY A 145 -10.87 -3.40 -7.61
C GLY A 145 -10.37 -3.17 -9.03
N LEU A 146 -9.60 -2.12 -9.23
CA LEU A 146 -9.23 -1.70 -10.58
C LEU A 146 -7.75 -1.85 -10.89
N ALA A 147 -6.89 -1.67 -9.89
CA ALA A 147 -5.46 -1.71 -10.15
C ALA A 147 -4.68 -1.84 -8.87
N PHE A 148 -3.51 -2.46 -8.99
CA PHE A 148 -2.48 -2.40 -7.97
C PHE A 148 -1.38 -1.45 -8.39
N TYR A 149 -0.98 -0.56 -7.50
CA TYR A 149 0.14 0.31 -7.74
C TYR A 149 1.32 -0.04 -6.83
N ASP A 150 2.52 0.14 -7.35
CA ASP A 150 3.74 -0.14 -6.58
C ASP A 150 3.88 0.78 -5.38
N SER A 151 4.31 0.18 -4.27
CA SER A 151 4.64 0.89 -3.04
C SER A 151 5.99 0.41 -2.48
N GLY A 152 6.86 -0.14 -3.31
CA GLY A 152 8.14 -0.63 -2.84
C GLY A 152 8.02 -1.66 -1.74
N ALA A 153 9.07 -1.72 -0.92
CA ALA A 153 9.11 -2.56 0.27
C ALA A 153 9.15 -1.66 1.50
N ARG A 154 8.49 -2.11 2.55
CA ARG A 154 8.40 -1.38 3.80
C ARG A 154 9.45 -1.85 4.78
N SER A 155 10.09 -0.89 5.44
CA SER A 155 11.16 -1.13 6.40
C SER A 155 10.97 -0.28 7.63
N ILE A 156 11.52 -0.74 8.75
CA ILE A 156 11.42 -0.01 10.01
C ILE A 156 12.30 1.22 10.02
N TYR A 157 11.74 2.33 10.51
CA TYR A 157 12.58 3.46 10.88
C TYR A 157 12.32 3.90 12.30
N ALA A 158 13.42 4.31 12.95
CA ALA A 158 13.44 4.50 14.39
C ALA A 158 14.64 5.33 14.78
N LYS A 159 14.83 5.49 16.09
CA LYS A 159 15.91 6.33 16.59
C LYS A 159 17.15 5.48 16.88
N LYS A 160 17.08 4.19 16.57
CA LYS A 160 18.17 3.26 16.74
C LYS A 160 18.09 2.18 15.68
N PRO A 161 19.21 1.52 15.36
CA PRO A 161 19.18 0.46 14.34
C PRO A 161 18.42 -0.75 14.83
N ILE A 162 17.75 -1.45 13.91
CA ILE A 162 17.03 -2.68 14.20
C ILE A 162 17.58 -3.74 13.26
N ARG A 163 18.67 -4.39 13.67
CA ARG A 163 19.41 -5.28 12.76
C ARG A 163 18.98 -6.74 12.82
N THR A 164 18.31 -7.11 13.92
CA THR A 164 17.81 -8.46 14.16
C THR A 164 16.49 -8.33 14.89
N VAL A 165 15.66 -9.37 14.92
CA VAL A 165 14.42 -9.29 15.69
C VAL A 165 14.66 -9.01 17.14
N ALA A 166 15.82 -9.42 17.67
CA ALA A 166 16.09 -9.10 19.05
C ALA A 166 16.12 -7.58 19.29
N ASP A 167 16.64 -6.82 18.34
CA ASP A 167 16.65 -5.37 18.48
C ASP A 167 15.24 -4.79 18.45
N ALA A 168 14.30 -5.51 17.83
CA ALA A 168 12.93 -5.02 17.68
C ALA A 168 12.09 -5.27 18.92
N LYS A 169 12.60 -6.11 19.81
CA LYS A 169 11.82 -6.50 20.97
C LYS A 169 11.42 -5.28 21.78
N GLY A 170 10.12 -5.12 22.00
CA GLY A 170 9.61 -4.00 22.76
C GLY A 170 9.52 -2.64 22.03
N LEU A 171 9.86 -2.59 20.75
CA LEU A 171 9.89 -1.31 20.04
C LEU A 171 8.48 -0.76 19.87
N LYS A 172 8.26 0.50 20.23
CA LYS A 172 6.93 1.11 20.14
C LYS A 172 6.73 1.65 18.74
N ILE A 173 6.10 0.84 17.89
CA ILE A 173 6.10 1.08 16.45
C ILE A 173 4.69 1.17 15.89
N ARG A 174 4.44 2.23 15.14
CA ARG A 174 3.17 2.38 14.47
C ARG A 174 3.08 1.47 13.26
N VAL A 175 1.90 0.85 13.12
CA VAL A 175 1.53 0.14 11.89
C VAL A 175 0.20 0.67 11.37
N GLN A 176 -0.14 0.32 10.14
CA GLN A 176 -1.45 0.59 9.61
C GLN A 176 -2.54 -0.17 10.32
N GLN A 177 -3.78 0.20 10.02
CA GLN A 177 -4.92 -0.28 10.80
C GLN A 177 -5.50 -1.59 10.28
N SER A 178 -4.79 -2.67 10.56
CA SER A 178 -5.32 -4.01 10.37
C SER A 178 -4.74 -4.99 11.38
N ASP A 179 -5.54 -6.00 11.70
CA ASP A 179 -5.09 -7.05 12.62
C ASP A 179 -3.89 -7.78 12.04
N LEU A 180 -3.84 -7.99 10.73
CA LEU A 180 -2.68 -8.61 10.12
C LEU A 180 -1.42 -7.76 10.35
N TRP A 181 -1.55 -6.46 10.20
CA TRP A 181 -0.37 -5.61 10.37
C TRP A 181 0.13 -5.63 11.80
N VAL A 182 -0.79 -5.60 12.76
CA VAL A 182 -0.43 -5.72 14.16
C VAL A 182 0.31 -7.03 14.42
N ALA A 183 -0.20 -8.11 13.86
CA ALA A 183 0.40 -9.44 14.05
C ALA A 183 1.77 -9.54 13.38
N LEU A 184 1.87 -8.99 12.18
CA LEU A 184 3.11 -9.07 11.40
C LEU A 184 4.29 -8.47 12.17
N VAL A 185 4.11 -7.25 12.67
CA VAL A 185 5.16 -6.60 13.41
C VAL A 185 5.29 -7.15 14.85
N SER A 186 4.18 -7.59 15.46
CA SER A 186 4.22 -8.24 16.78
C SER A 186 5.09 -9.49 16.74
N ALA A 187 5.15 -10.16 15.59
CA ALA A 187 5.95 -11.39 15.46
C ALA A 187 7.44 -11.09 15.63
N MET A 188 7.83 -9.85 15.39
CA MET A 188 9.20 -9.40 15.64
C MET A 188 9.47 -9.10 17.11
N GLY A 189 8.44 -9.25 17.95
CA GLY A 189 8.55 -8.91 19.36
C GLY A 189 8.27 -7.45 19.65
N ALA A 190 7.94 -6.67 18.61
CA ALA A 190 7.66 -5.25 18.76
C ALA A 190 6.27 -4.99 19.30
N ASN A 191 6.08 -3.76 19.79
CA ASN A 191 4.83 -3.32 20.38
C ASN A 191 4.10 -2.52 19.30
N ALA A 192 3.35 -3.23 18.48
CA ALA A 192 2.76 -2.66 17.28
C ALA A 192 1.53 -1.89 17.65
N THR A 193 1.41 -0.68 17.09
CA THR A 193 0.43 0.31 17.45
C THR A 193 -0.31 0.80 16.17
N PRO A 194 -1.59 0.41 15.95
CA PRO A 194 -2.26 0.84 14.72
C PRO A 194 -2.72 2.31 14.78
N MET A 195 -2.32 3.12 13.81
N MET A 195 -2.48 3.06 13.71
CA MET A 195 -2.71 4.52 13.73
CA MET A 195 -2.73 4.48 13.70
C MET A 195 -2.90 4.86 12.26
C MET A 195 -2.83 4.94 12.25
N PRO A 196 -3.73 5.88 11.96
CA PRO A 196 -3.81 6.41 10.60
C PRO A 196 -2.53 7.16 10.24
N TYR A 197 -2.19 7.16 8.95
CA TYR A 197 -0.94 7.73 8.46
C TYR A 197 -0.70 9.16 8.89
N GLY A 198 -1.75 9.97 8.84
CA GLY A 198 -1.60 11.39 9.10
C GLY A 198 -1.15 11.73 10.51
N GLU A 199 -1.28 10.79 11.43
CA GLU A 199 -0.89 11.02 12.82
C GLU A 199 0.56 10.60 13.12
N VAL A 200 1.24 10.03 12.12
CA VAL A 200 2.54 9.42 12.38
C VAL A 200 3.62 10.47 12.63
N TYR A 201 3.66 11.50 11.80
CA TYR A 201 4.71 12.52 11.92
C TYR A 201 4.72 13.14 13.31
N THR A 202 3.57 13.65 13.76
CA THR A 202 3.52 14.22 15.09
C THR A 202 3.80 13.20 16.18
N GLY A 203 3.38 11.95 15.99
CA GLY A 203 3.63 10.93 16.99
C GLY A 203 5.10 10.68 17.17
N LEU A 204 5.84 10.65 16.07
CA LEU A 204 7.29 10.49 16.11
C LEU A 204 7.99 11.71 16.71
N LYS A 205 7.55 12.91 16.33
CA LYS A 205 8.18 14.13 16.86
C LYS A 205 8.01 14.21 18.36
N THR A 206 6.82 13.92 18.86
CA THR A 206 6.53 14.11 20.28
C THR A 206 6.94 12.94 21.15
N GLY A 207 7.30 11.81 20.54
CA GLY A 207 7.71 10.63 21.26
C GLY A 207 6.56 9.75 21.69
N LEU A 208 5.37 10.01 21.16
CA LEU A 208 4.21 9.16 21.44
C LEU A 208 4.46 7.75 20.90
N ILE A 209 5.10 7.70 19.73
CA ILE A 209 5.61 6.45 19.18
C ILE A 209 7.10 6.62 18.92
N ASP A 210 7.81 5.51 18.91
CA ASP A 210 9.26 5.55 18.74
C ASP A 210 9.75 5.14 17.37
N ALA A 211 8.83 4.65 16.55
CA ALA A 211 9.19 4.08 15.26
C ALA A 211 7.94 3.95 14.41
N ALA A 212 8.17 3.76 13.11
CA ALA A 212 7.13 3.37 12.17
C ALA A 212 7.82 2.55 11.09
N GLU A 213 7.12 2.27 10.00
CA GLU A 213 7.70 1.47 8.93
C GLU A 213 7.02 1.81 7.63
N ASN A 214 7.81 1.86 6.58
CA ASN A 214 7.31 2.27 5.28
C ASN A 214 8.42 2.24 4.25
N ASN A 215 8.03 2.55 3.02
CA ASN A 215 8.97 2.73 1.94
C ASN A 215 9.71 4.08 2.12
N ILE A 216 10.76 4.26 1.33
CA ILE A 216 11.58 5.45 1.42
C ILE A 216 10.82 6.72 1.01
N PRO A 217 10.04 6.71 -0.08
CA PRO A 217 9.31 7.92 -0.43
C PRO A 217 8.34 8.39 0.64
N SER A 218 7.73 7.47 1.38
CA SER A 218 6.83 7.86 2.47
C SER A 218 7.65 8.48 3.63
N PHE A 219 8.70 7.77 4.05
CA PHE A 219 9.61 8.24 5.09
C PHE A 219 10.08 9.67 4.80
N ASP A 220 10.39 9.93 3.54
CA ASP A 220 10.79 11.25 3.06
C ASP A 220 9.64 12.26 3.03
N THR A 221 8.63 11.99 2.21
CA THR A 221 7.63 13.00 1.89
C THR A 221 6.70 13.32 3.05
N ALA A 222 6.45 12.37 3.95
CA ALA A 222 5.66 12.65 5.16
C ALA A 222 6.50 13.25 6.28
N LYS A 223 7.79 13.43 6.01
CA LYS A 223 8.72 14.14 6.90
C LYS A 223 9.12 13.31 8.11
N HIS A 224 8.85 12.01 8.06
CA HIS A 224 9.18 11.18 9.21
C HIS A 224 10.66 11.19 9.46
N VAL A 225 11.44 11.32 8.40
CA VAL A 225 12.90 11.41 8.50
C VAL A 225 13.35 12.59 9.35
N GLU A 226 12.54 13.65 9.42
CA GLU A 226 12.90 14.77 10.28
C GLU A 226 12.93 14.38 11.74
N ALA A 227 12.07 13.43 12.11
CA ALA A 227 11.92 13.00 13.50
C ALA A 227 12.82 11.85 13.89
N VAL A 228 12.96 10.86 13.02
CA VAL A 228 13.80 9.71 13.30
C VAL A 228 14.67 9.37 12.08
N LYS A 229 15.95 9.08 12.31
CA LYS A 229 16.93 9.03 11.23
C LYS A 229 17.40 7.64 10.82
N VAL A 230 17.08 6.62 11.60
CA VAL A 230 17.67 5.32 11.33
C VAL A 230 16.68 4.41 10.58
N TYR A 231 17.01 4.14 9.32
CA TYR A 231 16.17 3.35 8.43
C TYR A 231 16.79 1.97 8.25
N SER A 232 16.19 0.97 8.91
CA SER A 232 16.72 -0.38 8.93
C SER A 232 15.97 -1.23 7.92
N LYS A 233 16.71 -1.72 6.93
CA LYS A 233 16.10 -2.32 5.74
C LYS A 233 15.57 -3.74 5.93
N THR A 234 14.55 -3.84 6.77
CA THR A 234 13.91 -5.10 7.06
C THR A 234 13.07 -5.63 5.88
N GLU A 235 12.52 -4.71 5.07
CA GLU A 235 11.79 -5.08 3.86
C GLU A 235 10.77 -6.18 4.15
N HIS A 236 10.01 -5.96 5.21
CA HIS A 236 9.16 -7.00 5.79
C HIS A 236 7.78 -7.09 5.16
N SER A 237 7.49 -6.22 4.19
CA SER A 237 6.27 -6.37 3.40
C SER A 237 6.44 -5.59 2.11
N MET A 238 5.74 -6.02 1.07
CA MET A 238 5.62 -5.26 -0.17
C MET A 238 4.17 -4.89 -0.44
N ALA A 239 3.36 -4.85 0.61
CA ALA A 239 1.97 -4.40 0.56
C ALA A 239 1.77 -3.32 -0.50
N PRO A 240 1.07 -3.64 -1.59
CA PRO A 240 0.89 -2.66 -2.66
C PRO A 240 -0.26 -1.72 -2.38
N GLU A 241 -0.38 -0.70 -3.22
CA GLU A 241 -1.59 0.12 -3.21
C GLU A 241 -2.68 -0.56 -4.03
N ILE A 242 -3.92 -0.28 -3.68
CA ILE A 242 -5.06 -0.70 -4.48
C ILE A 242 -5.93 0.50 -4.79
N LEU A 243 -6.36 0.61 -6.05
CA LEU A 243 -7.34 1.60 -6.46
C LEU A 243 -8.68 0.91 -6.53
N VAL A 244 -9.67 1.41 -5.78
CA VAL A 244 -11.02 0.84 -5.80
C VAL A 244 -12.03 1.90 -6.22
N MET A 245 -13.07 1.43 -6.91
CA MET A 245 -14.24 2.24 -7.22
C MET A 245 -15.45 1.75 -6.43
N SER A 246 -16.35 2.67 -6.09
CA SER A 246 -17.60 2.28 -5.45
C SER A 246 -18.43 1.40 -6.37
N LYS A 247 -18.79 0.21 -5.93
CA LYS A 247 -19.70 -0.64 -6.68
C LYS A 247 -21.03 0.06 -6.96
N ILE A 248 -21.55 0.79 -5.98
CA ILE A 248 -22.84 1.49 -6.17
C ILE A 248 -22.77 2.40 -7.40
N ILE A 249 -21.69 3.16 -7.52
CA ILE A 249 -21.52 4.09 -8.63
C ILE A 249 -21.26 3.34 -9.94
N TYR A 250 -20.31 2.40 -9.92
CA TYR A 250 -19.96 1.60 -11.09
C TYR A 250 -21.17 0.92 -11.73
N ASP A 251 -22.02 0.33 -10.90
CA ASP A 251 -23.14 -0.47 -11.40
C ASP A 251 -24.17 0.35 -12.18
N LYS A 252 -24.17 1.66 -11.99
CA LYS A 252 -25.13 2.52 -12.69
C LYS A 252 -24.62 2.98 -14.06
N LEU A 253 -23.35 2.76 -14.36
CA LEU A 253 -22.80 3.17 -15.63
C LEU A 253 -23.02 2.11 -16.69
N PRO A 254 -23.19 2.54 -17.94
CA PRO A 254 -23.25 1.62 -19.07
C PRO A 254 -22.03 0.71 -19.10
N LYS A 255 -22.21 -0.52 -19.55
CA LYS A 255 -21.14 -1.49 -19.65
C LYS A 255 -19.92 -0.96 -20.41
N ALA A 256 -20.15 -0.28 -21.52
CA ALA A 256 -19.03 0.24 -22.30
C ALA A 256 -18.19 1.23 -21.49
N GLU A 257 -18.85 1.99 -20.61
CA GLU A 257 -18.14 2.97 -19.77
C GLU A 257 -17.44 2.32 -18.60
N GLN A 258 -18.04 1.27 -18.03
CA GLN A 258 -17.36 0.44 -17.05
C GLN A 258 -16.06 -0.08 -17.65
N ASP A 259 -16.09 -0.53 -18.90
CA ASP A 259 -14.90 -1.06 -19.54
C ASP A 259 -13.83 0.02 -19.72
N MET A 260 -14.24 1.24 -20.05
CA MET A 260 -13.30 2.35 -20.21
C MET A 260 -12.54 2.60 -18.89
N ILE A 261 -13.28 2.57 -17.79
CA ILE A 261 -12.70 2.81 -16.48
C ILE A 261 -11.70 1.72 -16.14
N ARG A 262 -12.07 0.46 -16.37
CA ARG A 262 -11.16 -0.64 -16.10
C ARG A 262 -9.89 -0.51 -16.94
N ALA A 263 -10.04 -0.14 -18.20
CA ALA A 263 -8.88 -0.03 -19.08
C ALA A 263 -7.96 1.13 -18.69
N ALA A 264 -8.56 2.26 -18.35
CA ALA A 264 -7.80 3.41 -17.95
C ALA A 264 -7.00 3.11 -16.67
N ALA A 265 -7.64 2.42 -15.72
CA ALA A 265 -6.93 2.03 -14.50
C ALA A 265 -5.75 1.09 -14.81
N LYS A 266 -6.00 0.05 -15.57
CA LYS A 266 -4.97 -0.92 -15.87
C LYS A 266 -3.79 -0.25 -16.59
N GLU A 267 -4.11 0.63 -17.52
CA GLU A 267 -3.07 1.27 -18.31
C GLU A 267 -2.29 2.31 -17.51
N SER A 268 -2.84 2.76 -16.39
CA SER A 268 -2.13 3.71 -15.52
C SER A 268 -1.04 3.06 -14.68
N VAL A 269 -1.06 1.74 -14.55
CA VAL A 269 -0.08 1.05 -13.70
C VAL A 269 1.34 1.24 -14.22
N ALA A 270 1.58 1.10 -15.52
CA ALA A 270 2.91 1.31 -16.08
C ALA A 270 3.42 2.71 -15.79
N PHE A 271 2.53 3.70 -15.89
CA PHE A 271 2.89 5.09 -15.61
C PHE A 271 3.27 5.24 -14.13
N GLU A 272 2.46 4.70 -13.24
CA GLU A 272 2.74 4.77 -11.81
C GLU A 272 4.08 4.16 -11.48
N ARG A 273 4.40 3.03 -12.12
CA ARG A 273 5.66 2.36 -11.84
C ARG A 273 6.87 3.17 -12.28
N GLN A 274 6.78 3.81 -13.44
CA GLN A 274 7.90 4.65 -13.87
C GLN A 274 8.07 5.83 -12.92
N LYS A 275 6.97 6.45 -12.51
CA LYS A 275 7.05 7.55 -11.58
C LYS A 275 7.57 7.07 -10.23
N TRP A 276 7.16 5.88 -9.82
CA TRP A 276 7.59 5.29 -8.57
C TRP A 276 9.10 5.06 -8.55
N ASP A 277 9.64 4.48 -9.62
CA ASP A 277 11.08 4.27 -9.71
C ASP A 277 11.81 5.62 -9.52
N GLU A 278 11.30 6.66 -10.16
CA GLU A 278 11.94 7.97 -10.10
C GLU A 278 11.88 8.51 -8.68
N GLN A 279 10.72 8.33 -8.05
CA GLN A 279 10.53 8.82 -6.67
C GLN A 279 11.39 8.06 -5.67
N GLU A 280 11.55 6.76 -5.86
CA GLU A 280 12.46 5.98 -5.01
C GLU A 280 13.84 6.62 -5.04
N ALA A 281 14.34 6.98 -6.22
CA ALA A 281 15.69 7.55 -6.32
C ALA A 281 15.74 8.93 -5.71
N LYS A 282 14.74 9.75 -5.97
CA LYS A 282 14.71 11.13 -5.46
C LYS A 282 14.65 11.13 -3.94
N SER A 283 13.75 10.35 -3.38
CA SER A 283 13.60 10.31 -1.94
C SER A 283 14.79 9.68 -1.24
N LEU A 284 15.43 8.69 -1.86
CA LEU A 284 16.64 8.12 -1.25
C LEU A 284 17.72 9.20 -1.17
N ALA A 285 17.89 9.96 -2.23
CA ALA A 285 18.84 11.06 -2.23
C ALA A 285 18.48 12.08 -1.15
N ASN A 286 17.22 12.44 -1.05
CA ASN A 286 16.76 13.39 -0.04
C ASN A 286 17.10 12.92 1.35
N VAL A 287 16.73 11.70 1.72
CA VAL A 287 16.92 11.27 3.11
C VAL A 287 18.42 11.10 3.41
N LYS A 288 19.19 10.59 2.46
CA LYS A 288 20.64 10.49 2.67
C LYS A 288 21.23 11.87 2.89
N ALA A 289 20.82 12.86 2.11
CA ALA A 289 21.34 14.21 2.27
C ALA A 289 20.92 14.81 3.61
N ALA A 290 19.76 14.42 4.10
CA ALA A 290 19.26 14.91 5.39
C ALA A 290 19.87 14.19 6.58
N GLY A 291 20.74 13.22 6.35
CA GLY A 291 21.45 12.55 7.42
C GLY A 291 20.86 11.23 7.86
N ALA A 292 19.91 10.69 7.09
CA ALA A 292 19.39 9.38 7.43
C ALA A 292 20.50 8.34 7.39
N GLU A 293 20.45 7.43 8.35
CA GLU A 293 21.33 6.28 8.39
C GLU A 293 20.60 5.04 7.87
N ILE A 294 21.01 4.58 6.70
CA ILE A 294 20.40 3.43 6.06
C ILE A 294 21.20 2.20 6.48
N VAL A 295 20.53 1.30 7.19
CA VAL A 295 21.20 0.15 7.77
C VAL A 295 20.76 -1.15 7.10
N GLU A 296 21.73 -1.95 6.68
CA GLU A 296 21.45 -3.29 6.15
C GLU A 296 21.22 -4.24 7.33
N VAL A 297 20.29 -5.19 7.16
CA VAL A 297 19.95 -6.09 8.26
C VAL A 297 20.03 -7.55 7.86
N ASP A 298 20.03 -8.44 8.85
CA ASP A 298 19.87 -9.86 8.61
C ASP A 298 18.40 -10.14 8.36
N LYS A 299 17.98 -10.09 7.09
CA LYS A 299 16.56 -10.20 6.79
C LYS A 299 16.03 -11.56 7.21
N LYS A 300 16.87 -12.57 7.19
CA LYS A 300 16.41 -13.90 7.58
C LYS A 300 16.03 -13.97 9.05
N SER A 301 16.66 -13.13 9.89
CA SER A 301 16.27 -13.02 11.30
C SER A 301 14.78 -12.73 11.41
N PHE A 302 14.32 -11.82 10.56
CA PHE A 302 12.95 -11.38 10.57
C PHE A 302 12.04 -12.37 9.86
N GLN A 303 12.50 -12.92 8.74
N GLN A 303 12.50 -12.94 8.75
CA GLN A 303 11.70 -13.90 8.02
CA GLN A 303 11.66 -13.89 8.04
C GLN A 303 11.45 -15.13 8.88
C GLN A 303 11.45 -15.16 8.85
N ALA A 304 12.43 -15.48 9.69
CA ALA A 304 12.40 -16.72 10.46
C ALA A 304 11.27 -16.75 11.48
N VAL A 305 10.72 -15.59 11.84
CA VAL A 305 9.66 -15.51 12.83
C VAL A 305 8.26 -15.44 12.22
N MET A 306 8.15 -15.49 10.90
CA MET A 306 6.86 -15.20 10.27
C MET A 306 5.96 -16.38 9.99
N GLY A 307 6.44 -17.60 10.19
CA GLY A 307 5.60 -18.76 9.97
C GLY A 307 4.25 -18.67 10.64
N PRO A 308 4.22 -18.31 11.93
CA PRO A 308 2.93 -18.26 12.61
C PRO A 308 1.98 -17.19 12.09
N VAL A 309 2.52 -16.15 11.42
CA VAL A 309 1.65 -15.16 10.83
C VAL A 309 0.88 -15.78 9.65
N TYR A 310 1.56 -16.56 8.83
CA TYR A 310 0.88 -17.32 7.79
C TYR A 310 -0.14 -18.30 8.40
N ASP A 311 0.22 -18.97 9.48
CA ASP A 311 -0.71 -19.92 10.07
C ASP A 311 -1.99 -19.23 10.57
N LYS A 312 -1.84 -18.03 11.09
CA LYS A 312 -2.94 -17.34 11.75
C LYS A 312 -3.83 -16.55 10.80
N PHE A 313 -3.30 -16.16 9.64
CA PHE A 313 -4.04 -15.31 8.71
C PHE A 313 -4.33 -15.95 7.35
N MET A 314 -3.45 -16.82 6.85
CA MET A 314 -3.71 -17.42 5.54
C MET A 314 -4.46 -18.73 5.76
N THR A 315 -5.74 -18.61 6.09
CA THR A 315 -6.48 -19.71 6.69
C THR A 315 -7.55 -20.33 5.80
N THR A 316 -7.88 -19.70 4.67
CA THR A 316 -8.90 -20.22 3.77
C THR A 316 -8.28 -20.88 2.54
N PRO A 317 -9.08 -21.70 1.84
CA PRO A 317 -8.50 -22.31 0.65
C PRO A 317 -8.03 -21.31 -0.40
N ASP A 318 -8.80 -20.26 -0.64
CA ASP A 318 -8.40 -19.26 -1.63
C ASP A 318 -7.08 -18.61 -1.23
N MET A 319 -6.96 -18.26 0.04
CA MET A 319 -5.73 -17.63 0.52
C MET A 319 -4.54 -18.56 0.33
N LYS A 320 -4.71 -19.82 0.72
CA LYS A 320 -3.60 -20.76 0.61
C LYS A 320 -3.21 -20.99 -0.84
N ARG A 321 -4.21 -21.06 -1.71
CA ARG A 321 -3.97 -21.29 -3.12
C ARG A 321 -3.24 -20.10 -3.74
N LEU A 322 -3.62 -18.89 -3.34
CA LEU A 322 -2.99 -17.70 -3.90
C LEU A 322 -1.56 -17.51 -3.40
N VAL A 323 -1.30 -17.80 -2.13
CA VAL A 323 0.08 -17.74 -1.64
C VAL A 323 0.93 -18.72 -2.43
N LYS A 324 0.44 -19.94 -2.61
CA LYS A 324 1.15 -20.95 -3.38
C LYS A 324 1.35 -20.50 -4.82
N ALA A 325 0.31 -19.93 -5.42
CA ALA A 325 0.43 -19.48 -6.80
C ALA A 325 1.50 -18.40 -6.93
N VAL A 326 1.53 -17.46 -6.00
CA VAL A 326 2.58 -16.45 -6.00
C VAL A 326 3.94 -17.11 -5.93
N GLN A 327 4.13 -18.03 -4.99
CA GLN A 327 5.46 -18.58 -4.80
C GLN A 327 5.82 -19.69 -5.80
N ASP A 328 4.85 -20.07 -6.64
CA ASP A 328 5.09 -20.98 -7.75
C ASP A 328 5.50 -20.18 -8.99
N THR A 329 5.44 -18.86 -8.91
CA THR A 329 5.65 -18.03 -10.09
C THR A 329 7.12 -18.04 -10.50
N LYS A 330 7.34 -18.19 -11.80
CA LYS A 330 8.68 -18.33 -12.36
C LYS A 330 9.31 -16.96 -12.63
N ALA A 331 10.61 -16.84 -12.36
CA ALA A 331 11.35 -15.61 -12.64
C ALA A 331 11.43 -15.34 -14.15
C1 BDP B . 2.19 4.38 2.27
C2 BDP B . 0.99 4.27 1.40
C3 BDP B . -0.12 5.11 1.93
C4 BDP B . -0.41 4.60 3.32
C5 BDP B . 0.87 4.76 4.18
C6 BDP B . 0.66 4.25 5.61
O2 BDP B . 1.36 4.87 0.14
O3 BDP B . -1.25 4.83 1.06
O4 BDP B . -1.48 5.35 3.90
O5 BDP B . 1.91 3.97 3.59
O6A BDP B . 1.65 3.71 6.15
O1 BDP B . 3.19 3.46 1.79
O6B BDP B . -0.43 4.46 6.19
C1 GCU C . 2.16 4.21 2.21
C2 GCU C . 0.95 4.20 1.32
C3 GCU C . -0.09 5.11 1.91
C4 GCU C . -0.43 4.60 3.28
C5 GCU C . 0.84 4.61 4.13
C6 GCU C . 0.52 4.10 5.55
O1 GCU C . 2.69 5.55 2.28
O2 GCU C . 1.33 4.69 0.00
O3 GCU C . -1.26 5.06 1.06
O4 GCU C . -1.42 5.46 3.88
O5 GCU C . 1.83 3.76 3.54
O6A GCU C . 1.43 3.47 6.14
O6B GCU C . -0.60 4.37 6.03
#